data_6LZB
#
_entry.id   6LZB
#
_cell.length_a   47.573
_cell.length_b   77.251
_cell.length_c   48.623
_cell.angle_alpha   90.000
_cell.angle_beta   91.540
_cell.angle_gamma   90.000
#
_symmetry.space_group_name_H-M   'P 1 21 1'
#
loop_
_entity.id
_entity.type
_entity.pdbx_description
1 polymer 'Methionine aminopeptidase 1'
2 non-polymer 'COBALT (II) ION'
3 non-polymer 1-[(3-methoxyphenyl)methyl]-~{N}-oxidanyl-pyrrolo[2,3-b]pyridine-5-carboxamide
4 non-polymer GLYCEROL
5 non-polymer 'SODIUM ION'
6 non-polymer 'MAGNESIUM ION'
7 water water
#
_entity_poly.entity_id   1
_entity_poly.type   'polypeptide(L)'
_entity_poly.pdbx_seq_one_letter_code
;MGSSHHHHHHSSGLVPRGSHMLEDPYRYTGKLRPHYPLMPTRPVPSYIQRPDYADHPLGMSESEQALKGTSQIKLLSSED
IEGMRLVCRLAREVLDVAAGMIKPGVTTEEIDHAVHLACIARNCYPSPLNYYNFPKSCCTSVNEVICHGIPDRRPLQEGD
IVNVDITLYRNGYHGDLNETFFVGEVDDGARKLVQTTYECLMQAIDAVKPGVRYRELGNIIQKHAQANGFSVVRSYCGHG
IHKLFHTAPNVPHYAKNKAVGVMKSGHVFTIEPMICEGGWQDETWPDGWTAVTRDGKRSAQFEHTLLVTDTGCEILTRRL
DSARPHFMS
;
_entity_poly.pdbx_strand_id   A
#
loop_
_chem_comp.id
_chem_comp.type
_chem_comp.name
_chem_comp.formula
CO non-polymer 'COBALT (II) ION' 'Co 2'
EYF non-polymer 1-[(3-methoxyphenyl)methyl]-~{N}-oxidanyl-pyrrolo[2,3-b]pyridine-5-carboxamide 'C16 H15 N3 O3'
GOL non-polymer GLYCEROL 'C3 H8 O3'
MG non-polymer 'MAGNESIUM ION' 'Mg 2'
NA non-polymer 'SODIUM ION' 'Na 1'
#
# COMPACT_ATOMS: atom_id res chain seq x y z
N TYR A 26 -24.60 -11.87 3.68
CA TYR A 26 -23.11 -11.99 3.86
C TYR A 26 -22.77 -12.23 5.34
N ARG A 27 -21.92 -13.22 5.58
CA ARG A 27 -21.44 -13.58 6.94
C ARG A 27 -20.08 -12.91 7.10
N TYR A 28 -20.05 -11.90 7.95
CA TYR A 28 -18.79 -11.20 8.25
C TYR A 28 -17.85 -12.21 8.90
N THR A 29 -16.57 -12.05 8.65
CA THR A 29 -15.55 -13.05 9.06
C THR A 29 -15.07 -12.72 10.49
N GLY A 30 -15.32 -11.50 10.93
CA GLY A 30 -14.95 -11.03 12.27
C GLY A 30 -15.92 -10.04 12.84
N LYS A 31 -15.42 -9.17 13.73
CA LYS A 31 -16.22 -8.13 14.43
C LYS A 31 -16.47 -6.91 13.53
N LEU A 32 -15.56 -6.59 12.64
CA LEU A 32 -15.63 -5.31 11.92
C LEU A 32 -16.88 -5.31 11.04
N ARG A 33 -17.52 -4.14 10.88
CA ARG A 33 -18.60 -3.96 9.90
C ARG A 33 -18.36 -2.62 9.17
N PRO A 34 -18.86 -2.46 7.93
CA PRO A 34 -18.88 -1.15 7.30
C PRO A 34 -19.81 -0.20 8.08
N HIS A 35 -19.40 1.09 8.09
CA HIS A 35 -20.15 2.13 8.82
C HIS A 35 -20.62 3.18 7.84
N TYR A 36 -21.83 3.03 7.35
CA TYR A 36 -22.44 3.89 6.30
C TYR A 36 -23.32 4.95 6.96
N PRO A 37 -23.69 6.05 6.25
CA PRO A 37 -23.33 6.37 4.87
C PRO A 37 -21.90 6.89 4.77
N LEU A 38 -21.36 6.77 3.59
CA LEU A 38 -20.13 7.44 3.26
C LEU A 38 -20.45 8.87 2.92
N MET A 39 -19.54 9.75 3.34
CA MET A 39 -19.65 11.16 2.90
C MET A 39 -19.64 11.11 1.36
N PRO A 40 -20.40 12.04 0.77
CA PRO A 40 -20.37 12.21 -0.68
C PRO A 40 -18.94 12.25 -1.27
N THR A 41 -18.74 11.74 -2.50
CA THR A 41 -17.45 11.75 -3.22
C THR A 41 -16.80 13.14 -3.11
N ARG A 42 -15.48 13.20 -2.85
CA ARG A 42 -14.74 14.47 -2.77
C ARG A 42 -14.13 14.84 -4.13
N PRO A 43 -14.41 16.05 -4.66
CA PRO A 43 -13.83 16.44 -5.93
C PRO A 43 -12.35 16.90 -5.78
N VAL A 44 -11.64 16.84 -6.91
CA VAL A 44 -10.24 17.25 -7.07
C VAL A 44 -10.29 18.43 -8.04
N PRO A 45 -9.76 19.63 -7.68
CA PRO A 45 -9.86 20.78 -8.58
C PRO A 45 -9.27 20.48 -9.95
N SER A 46 -9.87 21.06 -11.00
CA SER A 46 -9.45 20.71 -12.37
C SER A 46 -7.99 21.15 -12.62
N TYR A 47 -7.45 22.07 -11.80
CA TYR A 47 -6.01 22.50 -11.92
C TYR A 47 -5.05 21.35 -11.62
N ILE A 48 -5.52 20.29 -10.96
CA ILE A 48 -4.63 19.14 -10.67
C ILE A 48 -4.68 18.19 -11.89
N GLN A 49 -3.54 17.73 -12.36
CA GLN A 49 -3.45 16.76 -13.48
C GLN A 49 -4.04 15.43 -13.00
N ARG A 50 -4.82 14.81 -13.86
CA ARG A 50 -5.53 13.56 -13.53
C ARG A 50 -5.00 12.40 -14.35
N PRO A 51 -4.93 11.22 -13.71
CA PRO A 51 -4.63 9.97 -14.39
C PRO A 51 -5.84 9.58 -15.28
N ASP A 52 -5.58 8.77 -16.30
CA ASP A 52 -6.62 8.45 -17.30
C ASP A 52 -7.90 7.90 -16.66
N TYR A 53 -7.78 7.07 -15.63
CA TYR A 53 -8.96 6.38 -15.06
C TYR A 53 -9.86 7.34 -14.28
N ALA A 54 -9.34 8.51 -13.93
CA ALA A 54 -10.11 9.46 -13.11
C ALA A 54 -11.43 9.81 -13.76
N ASP A 55 -11.47 9.83 -15.08
CA ASP A 55 -12.69 10.27 -15.80
C ASP A 55 -13.31 9.14 -16.59
N HIS A 56 -12.91 7.89 -16.35
CA HIS A 56 -13.53 6.71 -16.97
C HIS A 56 -14.67 6.23 -16.08
N PRO A 57 -15.85 5.92 -16.65
CA PRO A 57 -17.01 5.65 -15.82
C PRO A 57 -16.90 4.45 -14.85
N LEU A 58 -16.11 3.45 -15.19
CA LEU A 58 -15.89 2.26 -14.32
C LEU A 58 -14.50 2.40 -13.72
N GLY A 59 -13.87 3.60 -13.86
CA GLY A 59 -12.51 3.75 -13.32
C GLY A 59 -11.45 2.88 -13.95
N MET A 60 -11.61 2.46 -15.20
CA MET A 60 -10.62 1.61 -15.86
C MET A 60 -9.51 2.51 -16.40
N SER A 61 -8.29 1.98 -16.38
CA SER A 61 -7.09 2.70 -16.90
C SER A 61 -6.73 2.14 -18.27
N GLU A 62 -7.01 2.90 -19.34
CA GLU A 62 -6.76 2.39 -20.72
C GLU A 62 -5.24 2.17 -20.86
N SER A 63 -4.44 3.02 -20.20
CA SER A 63 -2.97 2.88 -20.29
C SER A 63 -2.53 1.54 -19.62
N GLU A 64 -3.15 1.14 -18.49
CA GLU A 64 -2.87 -0.19 -17.86
C GLU A 64 -3.41 -1.32 -18.74
N GLN A 65 -4.65 -1.22 -19.16
CA GLN A 65 -5.26 -2.34 -19.95
C GLN A 65 -4.46 -2.65 -21.24
N ALA A 66 -3.90 -1.65 -21.94
CA ALA A 66 -3.04 -1.86 -23.13
C ALA A 66 -1.83 -2.74 -22.79
N LEU A 67 -1.12 -2.38 -21.71
CA LEU A 67 0.12 -3.10 -21.33
C LEU A 67 -0.24 -4.37 -20.57
N LYS A 68 -1.52 -4.71 -20.47
CA LYS A 68 -1.88 -5.96 -19.77
C LYS A 68 -1.38 -7.08 -20.67
N GLY A 69 -0.82 -8.14 -20.08
CA GLY A 69 -0.15 -9.24 -20.78
C GLY A 69 1.31 -8.94 -21.11
N THR A 70 1.82 -7.70 -21.02
CA THR A 70 3.28 -7.49 -21.28
C THR A 70 4.01 -7.67 -19.94
N SER A 71 5.12 -8.41 -19.91
CA SER A 71 5.85 -8.64 -18.64
C SER A 71 7.25 -7.99 -18.66
N GLN A 72 7.54 -7.17 -19.70
CA GLN A 72 8.74 -6.28 -19.80
C GLN A 72 8.56 -5.12 -18.80
N ILE A 73 9.67 -4.64 -18.27
CA ILE A 73 9.67 -3.64 -17.17
C ILE A 73 10.39 -2.39 -17.72
N LYS A 74 9.81 -1.19 -17.58
CA LYS A 74 10.41 0.13 -17.96
C LYS A 74 11.80 0.27 -17.32
N LEU A 75 12.80 0.69 -18.10
CA LEU A 75 14.03 1.29 -17.53
C LEU A 75 13.78 2.79 -17.43
N LEU A 76 13.70 3.36 -16.22
CA LEU A 76 13.34 4.79 -16.10
C LEU A 76 14.50 5.68 -16.61
N SER A 77 14.18 6.78 -17.29
CA SER A 77 15.16 7.85 -17.65
C SER A 77 15.50 8.63 -16.40
N SER A 78 16.55 9.44 -16.40
CA SER A 78 16.87 10.39 -15.31
C SER A 78 15.64 11.26 -15.02
N GLU A 79 14.87 11.56 -16.06
CA GLU A 79 13.68 12.44 -15.96
C GLU A 79 12.57 11.70 -15.19
N ASP A 80 12.39 10.42 -15.50
CA ASP A 80 11.38 9.56 -14.84
C ASP A 80 11.82 9.40 -13.39
N ILE A 81 13.10 9.19 -13.15
CA ILE A 81 13.60 9.05 -11.75
C ILE A 81 13.32 10.34 -10.96
N GLU A 82 13.62 11.51 -11.50
CA GLU A 82 13.32 12.79 -10.80
C GLU A 82 11.82 12.81 -10.47
N GLY A 83 10.98 12.44 -11.43
CA GLY A 83 9.50 12.47 -11.26
C GLY A 83 9.04 11.52 -10.17
N MET A 84 9.68 10.37 -10.09
CA MET A 84 9.35 9.41 -9.02
C MET A 84 9.92 9.86 -7.69
N ARG A 85 11.13 10.39 -7.61
CA ARG A 85 11.62 10.89 -6.31
C ARG A 85 10.63 11.89 -5.80
N LEU A 86 10.20 12.79 -6.68
CA LEU A 86 9.30 13.87 -6.22
C LEU A 86 8.01 13.29 -5.69
N VAL A 87 7.31 12.51 -6.50
CA VAL A 87 5.95 12.10 -6.03
C VAL A 87 6.07 11.19 -4.80
N CYS A 88 7.12 10.37 -4.74
CA CYS A 88 7.27 9.48 -3.58
C CYS A 88 7.57 10.28 -2.32
N ARG A 89 8.35 11.35 -2.41
CA ARG A 89 8.60 12.29 -1.29
CA ARG A 89 8.57 12.16 -1.19
C ARG A 89 7.26 12.89 -0.83
N LEU A 90 6.48 13.37 -1.82
CA LEU A 90 5.18 14.01 -1.44
C LEU A 90 4.27 12.96 -0.79
N ALA A 91 4.23 11.72 -1.31
CA ALA A 91 3.35 10.69 -0.73
C ALA A 91 3.76 10.40 0.73
N ARG A 92 5.08 10.36 0.99
CA ARG A 92 5.55 10.20 2.38
C ARG A 92 5.04 11.36 3.23
N GLU A 93 5.08 12.57 2.71
CA GLU A 93 4.54 13.74 3.54
C GLU A 93 3.07 13.55 3.89
N VAL A 94 2.31 13.01 2.93
CA VAL A 94 0.87 12.75 3.13
C VAL A 94 0.65 11.64 4.15
N LEU A 95 1.38 10.51 4.01
CA LEU A 95 1.28 9.43 5.02
CA LEU A 95 1.20 9.46 5.02
C LEU A 95 1.57 10.00 6.41
N ASP A 96 2.59 10.88 6.51
CA ASP A 96 2.94 11.43 7.83
C ASP A 96 1.79 12.29 8.37
N VAL A 97 1.03 12.98 7.51
CA VAL A 97 -0.17 13.72 7.95
C VAL A 97 -1.11 12.73 8.60
N ALA A 98 -1.39 11.63 7.89
CA ALA A 98 -2.35 10.63 8.38
C ALA A 98 -1.88 10.02 9.72
N ALA A 99 -0.59 9.76 9.83
CA ALA A 99 -0.03 9.05 10.99
C ALA A 99 -0.31 9.88 12.27
N GLY A 100 -0.26 11.22 12.15
CA GLY A 100 -0.43 12.15 13.29
C GLY A 100 -1.85 12.10 13.79
N MET A 101 -2.79 11.54 13.03
CA MET A 101 -4.22 11.50 13.42
C MET A 101 -4.67 10.22 14.13
N ILE A 102 -3.85 9.19 14.24
CA ILE A 102 -4.27 7.84 14.68
C ILE A 102 -4.41 7.77 16.20
N LYS A 103 -5.63 7.86 16.66
CA LYS A 103 -5.92 7.63 18.09
C LYS A 103 -7.38 7.32 18.25
N PRO A 104 -7.79 6.83 19.42
CA PRO A 104 -9.19 6.48 19.56
C PRO A 104 -10.15 7.67 19.29
N GLY A 105 -11.31 7.34 18.73
CA GLY A 105 -12.37 8.34 18.38
C GLY A 105 -12.27 8.97 16.99
N VAL A 106 -11.10 8.95 16.33
CA VAL A 106 -10.97 9.48 14.93
C VAL A 106 -11.55 8.49 13.94
N THR A 107 -12.38 8.99 13.02
CA THR A 107 -12.96 8.08 12.02
C THR A 107 -11.95 7.91 10.89
N THR A 108 -12.10 6.80 10.16
CA THR A 108 -11.28 6.63 8.96
C THR A 108 -11.66 7.66 7.88
N GLU A 109 -12.93 8.05 7.80
CA GLU A 109 -13.37 9.11 6.85
C GLU A 109 -12.64 10.43 7.16
N GLU A 110 -12.48 10.74 8.47
CA GLU A 110 -11.74 11.98 8.81
C GLU A 110 -10.29 11.92 8.36
N ILE A 111 -9.69 10.75 8.48
CA ILE A 111 -8.30 10.56 7.95
C ILE A 111 -8.30 10.82 6.44
N ASP A 112 -9.26 10.23 5.73
CA ASP A 112 -9.31 10.34 4.27
C ASP A 112 -9.47 11.82 3.88
N HIS A 113 -10.40 12.52 4.56
CA HIS A 113 -10.63 13.94 4.20
C HIS A 113 -9.32 14.76 4.33
N ALA A 114 -8.55 14.49 5.38
CA ALA A 114 -7.25 15.15 5.64
C ALA A 114 -6.26 14.76 4.54
N VAL A 115 -6.26 13.45 4.20
CA VAL A 115 -5.36 12.96 3.08
C VAL A 115 -5.68 13.70 1.76
N HIS A 116 -6.97 13.73 1.41
CA HIS A 116 -7.44 14.31 0.13
C HIS A 116 -6.96 15.79 0.05
N LEU A 117 -7.19 16.53 1.12
CA LEU A 117 -6.73 17.97 1.19
C LEU A 117 -5.22 18.09 1.08
N ALA A 118 -4.51 17.15 1.67
CA ALA A 118 -3.04 17.17 1.69
C ALA A 118 -2.49 16.91 0.26
N CYS A 119 -3.14 15.98 -0.44
CA CYS A 119 -2.76 15.74 -1.85
C CYS A 119 -2.93 17.07 -2.62
N ILE A 120 -4.14 17.61 -2.58
CA ILE A 120 -4.52 18.84 -3.34
C ILE A 120 -3.54 19.99 -3.02
N ALA A 121 -3.19 20.08 -1.74
CA ALA A 121 -2.23 21.11 -1.28
C ALA A 121 -0.89 20.96 -1.95
N ARG A 122 -0.50 19.72 -2.28
CA ARG A 122 0.74 19.40 -2.99
C ARG A 122 0.55 19.29 -4.50
N ASN A 123 -0.57 19.75 -5.06
CA ASN A 123 -0.79 19.70 -6.52
C ASN A 123 -0.73 18.26 -7.01
N CYS A 124 -1.25 17.33 -6.20
CA CYS A 124 -1.25 15.90 -6.56
C CYS A 124 -2.71 15.42 -6.59
N TYR A 125 -2.95 14.44 -7.46
CA TYR A 125 -4.23 13.69 -7.48
C TYR A 125 -4.05 12.50 -6.54
N PRO A 126 -5.05 12.19 -5.72
CA PRO A 126 -4.98 11.00 -4.87
C PRO A 126 -5.33 9.74 -5.71
N SER A 127 -4.28 9.01 -6.07
CA SER A 127 -4.41 7.90 -7.04
C SER A 127 -5.53 6.93 -6.77
N PRO A 128 -5.84 6.56 -5.52
CA PRO A 128 -6.92 5.58 -5.35
C PRO A 128 -8.28 6.06 -5.81
N LEU A 129 -8.47 7.39 -5.90
CA LEU A 129 -9.81 7.94 -6.11
C LEU A 129 -10.30 7.63 -7.54
N ASN A 130 -11.37 6.85 -7.62
CA ASN A 130 -12.00 6.30 -8.84
C ASN A 130 -11.11 5.27 -9.52
N TYR A 131 -10.06 4.73 -8.90
CA TYR A 131 -9.29 3.62 -9.46
C TYR A 131 -10.22 2.40 -9.41
N TYR A 132 -10.69 1.99 -10.58
CA TYR A 132 -11.69 0.90 -10.64
C TYR A 132 -12.87 1.26 -9.73
N ASN A 133 -13.24 2.54 -9.74
CA ASN A 133 -14.42 3.09 -9.00
C ASN A 133 -14.20 3.06 -7.47
N PHE A 134 -12.97 2.90 -6.98
CA PHE A 134 -12.75 3.02 -5.52
C PHE A 134 -13.26 4.39 -5.06
N PRO A 135 -14.04 4.49 -3.97
CA PRO A 135 -14.77 5.73 -3.73
C PRO A 135 -14.00 6.80 -2.94
N LYS A 136 -12.82 6.49 -2.43
CA LYS A 136 -12.08 7.38 -1.50
C LYS A 136 -10.66 7.62 -1.96
N SER A 137 -9.92 8.45 -1.20
CA SER A 137 -8.64 8.97 -1.67
C SER A 137 -7.46 8.23 -1.03
N CYS A 138 -7.76 7.26 -0.18
CA CYS A 138 -6.74 6.41 0.47
C CYS A 138 -7.49 5.16 0.93
N CYS A 139 -6.70 4.16 1.36
CA CYS A 139 -7.31 2.93 1.92
C CYS A 139 -6.95 2.87 3.40
N THR A 140 -7.94 2.55 4.19
CA THR A 140 -7.75 2.44 5.65
C THR A 140 -8.21 1.05 6.06
N SER A 141 -7.27 0.26 6.56
CA SER A 141 -7.54 -1.19 6.80
C SER A 141 -7.36 -1.46 8.29
N VAL A 142 -8.44 -1.80 8.97
CA VAL A 142 -8.42 -2.08 10.43
C VAL A 142 -8.46 -3.61 10.71
N ASN A 143 -7.59 -4.08 11.60
CA ASN A 143 -7.66 -5.46 12.21
C ASN A 143 -7.70 -6.55 11.10
N GLU A 144 -8.80 -7.31 10.94
CA GLU A 144 -8.91 -8.40 9.94
C GLU A 144 -8.96 -7.92 8.51
N VAL A 145 -9.08 -6.59 8.28
CA VAL A 145 -8.95 -6.11 6.89
C VAL A 145 -7.48 -6.27 6.48
N ILE A 146 -7.30 -6.95 5.37
CA ILE A 146 -5.99 -7.21 4.79
C ILE A 146 -5.54 -5.92 4.05
N CYS A 147 -6.39 -5.40 3.20
CA CYS A 147 -6.06 -4.23 2.37
C CYS A 147 -7.35 -3.71 1.74
N HIS A 148 -7.24 -2.48 1.22
CA HIS A 148 -8.29 -1.83 0.43
C HIS A 148 -9.51 -1.49 1.24
N GLY A 149 -9.35 -1.34 2.54
CA GLY A 149 -10.50 -0.89 3.33
C GLY A 149 -10.93 0.54 2.93
N ILE A 150 -12.19 0.77 3.04
CA ILE A 150 -12.86 2.04 2.59
C ILE A 150 -13.10 2.93 3.80
N PRO A 151 -12.45 4.12 3.82
CA PRO A 151 -12.71 5.07 4.90
C PRO A 151 -14.20 5.33 5.09
N ASP A 152 -14.63 5.25 6.36
CA ASP A 152 -16.06 5.30 6.69
C ASP A 152 -16.26 5.92 8.09
N ARG A 153 -17.47 5.82 8.58
CA ARG A 153 -17.84 6.56 9.79
C ARG A 153 -17.38 5.87 11.08
N ARG A 154 -16.70 4.74 11.02
CA ARG A 154 -16.31 4.00 12.25
C ARG A 154 -15.20 4.75 12.97
N PRO A 155 -15.43 5.11 14.25
CA PRO A 155 -14.34 5.63 15.10
C PRO A 155 -13.36 4.52 15.45
N LEU A 156 -12.06 4.84 15.34
CA LEU A 156 -10.99 3.91 15.76
C LEU A 156 -11.11 3.62 17.24
N GLN A 157 -10.93 2.34 17.56
CA GLN A 157 -11.00 1.90 18.98
C GLN A 157 -9.64 1.58 19.59
N GLU A 158 -9.46 1.82 20.87
CA GLU A 158 -8.21 1.40 21.59
C GLU A 158 -7.96 -0.09 21.33
N GLY A 159 -6.72 -0.47 20.98
CA GLY A 159 -6.38 -1.89 20.68
C GLY A 159 -6.33 -2.19 19.19
N ASP A 160 -7.01 -1.38 18.37
CA ASP A 160 -7.04 -1.57 16.90
C ASP A 160 -5.62 -1.44 16.34
N ILE A 161 -5.40 -2.16 15.25
CA ILE A 161 -4.29 -1.83 14.34
C ILE A 161 -4.95 -1.26 13.06
N VAL A 162 -4.33 -0.23 12.48
CA VAL A 162 -4.88 0.36 11.26
C VAL A 162 -3.77 0.70 10.29
N ASN A 163 -3.96 0.28 9.04
CA ASN A 163 -3.05 0.59 7.96
C ASN A 163 -3.65 1.75 7.17
N VAL A 164 -2.80 2.72 6.86
CA VAL A 164 -3.18 3.76 5.85
C VAL A 164 -2.24 3.61 4.66
N ASP A 165 -2.90 3.46 3.50
CA ASP A 165 -2.20 3.24 2.21
C ASP A 165 -2.46 4.49 1.35
N ILE A 166 -1.36 5.13 1.02
CA ILE A 166 -1.33 6.38 0.24
C ILE A 166 -0.70 6.14 -1.12
N THR A 167 -1.36 6.73 -2.12
CA THR A 167 -0.69 6.87 -3.41
C THR A 167 -1.08 8.24 -4.01
N LEU A 168 -0.05 8.93 -4.49
CA LEU A 168 -0.20 10.25 -5.13
C LEU A 168 0.18 10.16 -6.61
N TYR A 169 -0.38 11.07 -7.37
CA TYR A 169 -0.08 11.23 -8.80
C TYR A 169 0.34 12.69 -9.05
N ARG A 170 1.57 12.86 -9.51
CA ARG A 170 2.11 14.20 -9.82
C ARG A 170 2.82 14.19 -11.17
N ASN A 171 2.48 15.14 -12.06
CA ASN A 171 3.20 15.34 -13.34
C ASN A 171 3.39 13.99 -14.06
N GLY A 172 2.44 13.05 -13.94
CA GLY A 172 2.43 11.80 -14.72
C GLY A 172 2.93 10.58 -13.96
N TYR A 173 3.37 10.77 -12.71
CA TYR A 173 4.02 9.71 -11.91
C TYR A 173 3.25 9.40 -10.63
N HIS A 174 3.15 8.11 -10.33
CA HIS A 174 2.53 7.62 -9.08
C HIS A 174 3.55 7.19 -8.04
N GLY A 175 3.30 7.50 -6.76
CA GLY A 175 4.18 7.12 -5.63
C GLY A 175 3.34 6.49 -4.51
N ASP A 176 3.77 5.33 -3.99
CA ASP A 176 2.88 4.45 -3.23
C ASP A 176 3.59 3.96 -1.95
N LEU A 177 2.94 4.11 -0.80
CA LEU A 177 3.48 3.59 0.45
C LEU A 177 2.35 3.34 1.46
N ASN A 178 2.67 2.53 2.47
CA ASN A 178 1.70 2.31 3.51
C ASN A 178 2.44 1.90 4.78
N GLU A 179 1.79 2.14 5.89
CA GLU A 179 2.25 1.72 7.23
C GLU A 179 1.07 1.29 8.04
N THR A 180 1.34 0.35 8.96
CA THR A 180 0.35 0.00 10.00
C THR A 180 0.73 0.73 11.30
N PHE A 181 -0.32 1.23 11.92
CA PHE A 181 -0.27 2.04 13.14
C PHE A 181 -1.01 1.31 14.27
N PHE A 182 -0.62 1.63 15.49
CA PHE A 182 -1.31 1.17 16.72
C PHE A 182 -2.29 2.24 17.20
N VAL A 183 -3.47 1.77 17.56
CA VAL A 183 -4.51 2.68 18.12
C VAL A 183 -4.51 2.51 19.65
N GLY A 184 -3.93 3.50 20.28
CA GLY A 184 -3.64 3.46 21.73
C GLY A 184 -2.77 2.25 22.07
N GLU A 185 -3.08 1.54 23.16
CA GLU A 185 -2.28 0.39 23.63
C GLU A 185 -2.83 -0.81 22.92
N VAL A 186 -1.94 -1.63 22.42
CA VAL A 186 -2.36 -2.85 21.72
C VAL A 186 -1.77 -4.01 22.49
N ASP A 187 -2.23 -5.21 22.13
CA ASP A 187 -1.80 -6.43 22.82
C ASP A 187 -0.47 -6.93 22.23
N ASP A 188 0.19 -7.80 22.94
CA ASP A 188 1.49 -8.37 22.54
C ASP A 188 1.36 -8.94 21.13
N GLY A 189 0.23 -9.55 20.80
CA GLY A 189 -0.04 -10.21 19.52
C GLY A 189 0.05 -9.18 18.41
N ALA A 190 -0.56 -8.02 18.67
CA ALA A 190 -0.60 -6.94 17.67
C ALA A 190 0.83 -6.42 17.47
N ARG A 191 1.60 -6.28 18.52
CA ARG A 191 2.99 -5.78 18.48
C ARG A 191 3.83 -6.73 17.64
N LYS A 192 3.74 -8.02 17.92
CA LYS A 192 4.54 -9.04 17.22
C LYS A 192 4.15 -9.04 15.73
N LEU A 193 2.84 -9.01 15.44
CA LEU A 193 2.39 -9.08 14.03
C LEU A 193 3.02 -7.88 13.27
N VAL A 194 2.80 -6.68 13.76
CA VAL A 194 3.25 -5.43 13.07
C VAL A 194 4.78 -5.40 12.94
N GLN A 195 5.49 -5.74 14.02
CA GLN A 195 6.95 -5.82 13.97
C GLN A 195 7.42 -6.83 12.90
N THR A 196 6.91 -8.06 12.92
CA THR A 196 7.33 -9.07 11.95
C THR A 196 7.07 -8.54 10.55
N THR A 197 5.87 -7.97 10.32
CA THR A 197 5.52 -7.57 8.93
C THR A 197 6.55 -6.53 8.46
N TYR A 198 6.92 -5.59 9.35
CA TYR A 198 7.88 -4.55 8.97
C TYR A 198 9.24 -5.16 8.70
N GLU A 199 9.62 -6.14 9.52
CA GLU A 199 10.85 -6.93 9.25
C GLU A 199 10.78 -7.65 7.91
N CYS A 200 9.66 -8.29 7.58
CA CYS A 200 9.56 -9.00 6.30
C CYS A 200 9.90 -8.00 5.22
N LEU A 201 9.21 -6.82 5.27
CA LEU A 201 9.44 -5.81 4.20
C LEU A 201 10.92 -5.44 4.14
N MET A 202 11.53 -5.15 5.27
CA MET A 202 12.92 -4.64 5.22
C MET A 202 13.89 -5.76 4.76
N GLN A 203 13.63 -7.00 5.10
CA GLN A 203 14.51 -8.11 4.61
C GLN A 203 14.37 -8.22 3.08
N ALA A 204 13.17 -8.15 2.53
CA ALA A 204 13.00 -8.18 1.08
C ALA A 204 13.80 -7.04 0.50
N ILE A 205 13.63 -5.82 1.06
CA ILE A 205 14.30 -4.63 0.48
C ILE A 205 15.82 -4.81 0.46
N ASP A 206 16.32 -5.43 1.50
CA ASP A 206 17.77 -5.66 1.67
C ASP A 206 18.29 -6.61 0.60
N ALA A 207 17.42 -7.37 -0.04
CA ALA A 207 17.85 -8.33 -1.08
C ALA A 207 17.80 -7.72 -2.49
N VAL A 208 17.21 -6.56 -2.68
CA VAL A 208 17.01 -5.95 -4.02
C VAL A 208 18.35 -5.41 -4.52
N LYS A 209 18.75 -5.87 -5.72
CA LYS A 209 19.91 -5.30 -6.44
C LYS A 209 19.87 -5.92 -7.82
N PRO A 210 20.55 -5.34 -8.82
CA PRO A 210 20.52 -5.86 -10.18
C PRO A 210 20.93 -7.34 -10.16
N GLY A 211 20.19 -8.11 -10.93
CA GLY A 211 20.45 -9.56 -11.17
C GLY A 211 19.69 -10.46 -10.23
N VAL A 212 18.88 -9.91 -9.30
CA VAL A 212 18.03 -10.74 -8.42
C VAL A 212 16.68 -10.94 -9.10
N ARG A 213 16.20 -12.17 -9.08
CA ARG A 213 14.88 -12.49 -9.67
C ARG A 213 13.75 -11.94 -8.77
N TYR A 214 12.71 -11.39 -9.38
CA TYR A 214 11.56 -10.82 -8.62
C TYR A 214 10.95 -11.91 -7.74
N ARG A 215 10.97 -13.17 -8.22
CA ARG A 215 10.34 -14.30 -7.51
CA ARG A 215 10.34 -14.31 -7.51
C ARG A 215 11.06 -14.59 -6.19
N GLU A 216 12.30 -14.14 -5.99
CA GLU A 216 13.06 -14.50 -4.77
C GLU A 216 12.52 -13.75 -3.56
N LEU A 217 11.92 -12.58 -3.76
CA LEU A 217 11.49 -11.80 -2.58
C LEU A 217 10.44 -12.54 -1.75
N GLY A 218 9.53 -13.26 -2.39
CA GLY A 218 8.52 -13.97 -1.61
C GLY A 218 9.13 -15.10 -0.81
N ASN A 219 10.24 -15.71 -1.29
CA ASN A 219 10.93 -16.73 -0.46
C ASN A 219 11.38 -16.09 0.87
N ILE A 220 11.95 -14.89 0.83
CA ILE A 220 12.53 -14.25 2.04
C ILE A 220 11.37 -13.84 2.96
N ILE A 221 10.32 -13.29 2.37
CA ILE A 221 9.15 -12.86 3.15
C ILE A 221 8.49 -14.03 3.86
N GLN A 222 8.17 -15.11 3.15
CA GLN A 222 7.42 -16.24 3.78
C GLN A 222 8.33 -16.89 4.83
N LYS A 223 9.63 -16.99 4.55
CA LYS A 223 10.56 -17.65 5.49
C LYS A 223 10.43 -16.89 6.82
N HIS A 224 10.48 -15.55 6.84
CA HIS A 224 10.45 -14.80 8.13
C HIS A 224 9.05 -14.81 8.78
N ALA A 225 7.98 -14.74 7.99
CA ALA A 225 6.60 -14.80 8.52
C ALA A 225 6.43 -16.17 9.24
N GLN A 226 6.80 -17.26 8.55
CA GLN A 226 6.54 -18.68 9.01
C GLN A 226 7.29 -18.89 10.32
N ALA A 227 8.50 -18.34 10.38
CA ALA A 227 9.36 -18.50 11.58
C ALA A 227 8.70 -17.83 12.80
N ASN A 228 7.80 -16.88 12.59
CA ASN A 228 7.11 -16.18 13.71
C ASN A 228 5.64 -16.64 13.83
N GLY A 229 5.25 -17.69 13.09
CA GLY A 229 3.93 -18.34 13.20
C GLY A 229 2.87 -17.61 12.40
N PHE A 230 3.26 -16.84 11.38
CA PHE A 230 2.28 -16.08 10.57
C PHE A 230 2.23 -16.62 9.15
N SER A 231 1.16 -16.28 8.44
CA SER A 231 1.00 -16.72 7.03
C SER A 231 1.09 -15.48 6.14
N VAL A 232 1.18 -15.68 4.82
CA VAL A 232 1.40 -14.65 3.80
C VAL A 232 0.23 -14.67 2.83
N VAL A 233 -0.42 -13.52 2.71
CA VAL A 233 -1.48 -13.35 1.69
C VAL A 233 -1.00 -13.67 0.31
N ARG A 234 -1.81 -14.37 -0.49
CA ARG A 234 -1.40 -14.78 -1.82
C ARG A 234 -2.11 -13.98 -2.93
N SER A 235 -3.28 -13.38 -2.60
CA SER A 235 -4.20 -12.82 -3.61
C SER A 235 -3.74 -11.43 -4.04
N TYR A 236 -2.81 -10.79 -3.30
CA TYR A 236 -2.40 -9.38 -3.58
C TYR A 236 -0.86 -9.32 -3.59
N CYS A 237 -0.28 -8.55 -4.51
CA CYS A 237 1.15 -8.55 -4.81
C CYS A 237 1.66 -7.12 -4.87
N GLY A 238 2.94 -7.01 -4.73
CA GLY A 238 3.67 -5.82 -5.13
C GLY A 238 3.64 -5.62 -6.61
N HIS A 239 3.96 -4.47 -7.09
CA HIS A 239 3.74 -4.08 -8.49
C HIS A 239 4.78 -3.08 -8.95
N GLY A 240 5.09 -3.11 -10.24
CA GLY A 240 5.66 -1.95 -10.90
C GLY A 240 4.78 -0.74 -10.74
N ILE A 241 5.42 0.40 -10.63
CA ILE A 241 4.73 1.69 -10.53
C ILE A 241 5.62 2.75 -11.19
N HIS A 242 5.01 3.64 -11.95
CA HIS A 242 5.66 4.86 -12.50
C HIS A 242 4.58 5.70 -13.20
N LYS A 243 4.54 5.65 -14.56
CA LYS A 243 3.48 6.35 -15.30
C LYS A 243 2.13 5.62 -15.14
N LEU A 244 2.18 4.34 -14.74
CA LEU A 244 1.02 3.49 -14.41
C LEU A 244 1.00 3.26 -12.89
N PHE A 245 -0.18 3.14 -12.33
CA PHE A 245 -0.32 2.84 -10.88
C PHE A 245 0.15 1.40 -10.63
N HIS A 246 -0.36 0.44 -11.43
CA HIS A 246 0.03 -0.97 -11.34
C HIS A 246 0.45 -1.44 -12.75
N THR A 247 1.67 -1.92 -12.83
CA THR A 247 2.23 -2.44 -14.11
C THR A 247 3.28 -3.49 -13.78
N ALA A 248 3.90 -4.05 -14.82
CA ALA A 248 4.99 -5.01 -14.55
C ALA A 248 6.13 -4.33 -13.79
N PRO A 249 6.77 -5.06 -12.91
CA PRO A 249 6.47 -6.46 -12.65
C PRO A 249 5.38 -6.75 -11.63
N ASN A 250 4.85 -7.95 -11.63
CA ASN A 250 4.08 -8.54 -10.53
C ASN A 250 5.04 -9.17 -9.53
N VAL A 251 4.90 -8.76 -8.27
CA VAL A 251 5.80 -9.15 -7.14
C VAL A 251 5.03 -9.87 -6.05
N PRO A 252 4.84 -11.20 -6.16
CA PRO A 252 4.24 -11.98 -5.07
C PRO A 252 5.09 -11.99 -3.80
N HIS A 253 4.43 -12.13 -2.65
CA HIS A 253 5.06 -12.09 -1.30
C HIS A 253 5.28 -13.45 -0.66
N TYR A 254 4.82 -14.51 -1.36
CA TYR A 254 4.88 -15.91 -0.88
C TYR A 254 6.06 -16.67 -1.55
N ALA A 255 6.38 -17.87 -1.02
CA ALA A 255 7.52 -18.70 -1.43
C ALA A 255 7.18 -19.50 -2.71
N LYS A 256 8.13 -19.68 -3.62
CA LYS A 256 7.96 -20.60 -4.79
C LYS A 256 6.80 -20.09 -5.65
N ASN A 257 6.70 -18.80 -5.83
CA ASN A 257 5.80 -18.18 -6.83
C ASN A 257 6.51 -18.28 -8.19
N LYS A 258 5.86 -17.85 -9.25
CA LYS A 258 6.48 -18.03 -10.58
C LYS A 258 6.52 -16.69 -11.27
N ALA A 259 6.71 -15.62 -10.47
CA ALA A 259 6.92 -14.28 -11.05
C ALA A 259 8.02 -14.35 -12.12
N VAL A 260 7.78 -13.57 -13.15
CA VAL A 260 8.71 -13.33 -14.28
C VAL A 260 9.51 -12.06 -14.03
N GLY A 261 10.83 -12.11 -14.27
CA GLY A 261 11.64 -10.89 -14.34
C GLY A 261 12.84 -10.94 -13.43
N VAL A 262 13.83 -10.13 -13.80
CA VAL A 262 15.11 -9.97 -13.07
C VAL A 262 15.27 -8.49 -12.89
N MET A 263 15.69 -8.11 -11.70
CA MET A 263 15.92 -6.71 -11.31
C MET A 263 17.09 -6.11 -12.09
N LYS A 264 16.89 -4.91 -12.59
CA LYS A 264 17.93 -4.15 -13.32
C LYS A 264 17.90 -2.71 -12.79
N SER A 265 19.03 -2.09 -12.69
CA SER A 265 19.15 -0.66 -12.34
C SER A 265 18.17 0.14 -13.23
N GLY A 266 17.28 0.89 -12.62
CA GLY A 266 16.30 1.74 -13.32
C GLY A 266 14.88 1.19 -13.23
N HIS A 267 14.72 0.01 -12.64
CA HIS A 267 13.37 -0.53 -12.36
C HIS A 267 12.79 0.05 -11.07
N VAL A 268 11.51 0.37 -11.12
CA VAL A 268 10.78 0.89 -9.93
C VAL A 268 9.62 -0.05 -9.66
N PHE A 269 9.44 -0.44 -8.41
CA PHE A 269 8.29 -1.30 -8.07
C PHE A 269 8.09 -1.23 -6.56
N THR A 270 6.97 -1.79 -6.11
CA THR A 270 6.64 -1.87 -4.69
C THR A 270 6.83 -3.26 -4.11
N ILE A 271 7.09 -3.29 -2.84
CA ILE A 271 7.00 -4.50 -2.01
C ILE A 271 5.99 -4.18 -0.90
N GLU A 272 4.95 -4.96 -0.71
CA GLU A 272 3.83 -4.58 0.17
C GLU A 272 3.24 -5.78 0.90
N PRO A 273 4.07 -6.52 1.65
CA PRO A 273 3.62 -7.78 2.21
C PRO A 273 2.49 -7.60 3.22
N MET A 274 1.51 -8.50 3.10
N MET A 274 1.51 -8.50 3.11
CA MET A 274 0.38 -8.62 4.04
CA MET A 274 0.38 -8.61 4.04
C MET A 274 0.51 -9.94 4.78
C MET A 274 0.50 -9.94 4.77
N ILE A 275 0.69 -9.86 6.10
CA ILE A 275 1.01 -11.01 6.98
C ILE A 275 -0.17 -11.21 7.91
N CYS A 276 -0.52 -12.48 8.11
CA CYS A 276 -1.75 -12.80 8.92
C CYS A 276 -1.46 -13.67 10.14
N GLU A 277 -2.18 -13.42 11.23
CA GLU A 277 -2.14 -14.20 12.48
C GLU A 277 -2.60 -15.63 12.26
N GLY A 278 -3.61 -15.88 11.41
CA GLY A 278 -4.09 -17.25 11.13
C GLY A 278 -3.68 -17.70 9.75
N GLY A 279 -4.65 -18.14 8.97
CA GLY A 279 -4.42 -18.61 7.60
C GLY A 279 -4.28 -17.43 6.69
N TRP A 280 -3.86 -17.73 5.46
CA TRP A 280 -3.54 -16.69 4.45
C TRP A 280 -4.80 -16.34 3.63
N GLN A 281 -5.88 -17.13 3.76
CA GLN A 281 -6.98 -17.08 2.76
C GLN A 281 -7.70 -15.74 2.96
N ASP A 282 -8.13 -15.14 1.88
CA ASP A 282 -8.85 -13.87 1.96
C ASP A 282 -10.19 -14.01 1.27
N GLU A 283 -11.08 -13.10 1.62
CA GLU A 283 -12.31 -12.91 0.81
C GLU A 283 -12.67 -11.43 0.84
N THR A 284 -13.53 -11.07 -0.06
CA THR A 284 -13.90 -9.66 -0.29
C THR A 284 -15.29 -9.41 0.30
N TRP A 285 -15.49 -8.27 0.95
CA TRP A 285 -16.83 -7.79 1.38
C TRP A 285 -17.73 -7.53 0.19
N PRO A 286 -19.05 -7.43 0.44
CA PRO A 286 -20.01 -7.09 -0.59
C PRO A 286 -19.74 -5.74 -1.25
N ASP A 287 -18.98 -4.84 -0.59
CA ASP A 287 -18.61 -3.55 -1.23
C ASP A 287 -17.74 -3.76 -2.48
N GLY A 288 -17.14 -4.93 -2.66
CA GLY A 288 -16.33 -5.18 -3.86
C GLY A 288 -14.85 -4.87 -3.66
N TRP A 289 -14.47 -4.25 -2.54
CA TRP A 289 -13.09 -3.72 -2.32
CA TRP A 289 -13.07 -3.77 -2.31
C TRP A 289 -12.45 -4.32 -1.05
N THR A 290 -13.13 -4.29 0.06
CA THR A 290 -12.47 -4.55 1.32
C THR A 290 -12.09 -6.04 1.38
N ALA A 291 -10.81 -6.31 1.51
CA ALA A 291 -10.30 -7.68 1.57
C ALA A 291 -10.11 -7.99 3.03
N VAL A 292 -10.60 -9.17 3.45
CA VAL A 292 -10.54 -9.56 4.86
C VAL A 292 -10.02 -11.00 4.95
N THR A 293 -9.41 -11.23 6.08
CA THR A 293 -9.08 -12.64 6.40
C THR A 293 -10.34 -13.54 6.47
N ARG A 294 -10.27 -14.77 5.91
CA ARG A 294 -11.48 -15.67 5.93
C ARG A 294 -11.73 -16.10 7.38
N ASP A 295 -10.66 -16.16 8.18
CA ASP A 295 -10.79 -16.61 9.58
C ASP A 295 -11.08 -15.47 10.55
N GLY A 296 -11.12 -14.19 10.12
CA GLY A 296 -11.40 -13.07 11.04
C GLY A 296 -10.22 -12.60 11.93
N LYS A 297 -9.04 -13.23 11.80
CA LYS A 297 -7.86 -12.87 12.60
C LYS A 297 -7.17 -11.67 11.91
N ARG A 298 -6.24 -11.05 12.62
CA ARG A 298 -5.64 -9.78 12.14
C ARG A 298 -4.56 -10.03 11.09
N SER A 299 -4.42 -8.97 10.30
CA SER A 299 -3.45 -8.86 9.20
C SER A 299 -2.80 -7.49 9.26
N ALA A 300 -1.51 -7.42 9.01
CA ALA A 300 -0.78 -6.12 8.95
C ALA A 300 -0.01 -6.07 7.65
N GLN A 301 0.37 -4.83 7.26
CA GLN A 301 1.00 -4.56 5.97
C GLN A 301 1.98 -3.40 6.11
N PHE A 302 3.04 -3.41 5.36
CA PHE A 302 3.87 -2.21 5.10
C PHE A 302 4.15 -2.20 3.61
N GLU A 303 4.49 -1.03 3.06
CA GLU A 303 4.80 -0.88 1.66
C GLU A 303 5.79 0.23 1.47
N HIS A 304 6.73 0.04 0.56
CA HIS A 304 7.58 1.09 0.03
C HIS A 304 7.63 0.99 -1.48
N THR A 305 7.91 2.11 -2.12
CA THR A 305 8.28 2.17 -3.55
C THR A 305 9.78 2.19 -3.63
N LEU A 306 10.35 1.29 -4.45
CA LEU A 306 11.80 1.10 -4.57
C LEU A 306 12.33 1.37 -5.96
N LEU A 307 13.51 1.98 -6.04
CA LEU A 307 14.29 2.15 -7.30
C LEU A 307 15.48 1.21 -7.20
N VAL A 308 15.67 0.36 -8.20
CA VAL A 308 16.88 -0.49 -8.23
C VAL A 308 18.05 0.35 -8.72
N THR A 309 19.18 0.32 -8.00
CA THR A 309 20.40 1.06 -8.38
C THR A 309 21.53 0.07 -8.70
N ASP A 310 22.70 0.55 -9.07
CA ASP A 310 23.85 -0.35 -9.32
C ASP A 310 24.26 -1.09 -8.03
N THR A 311 24.12 -0.44 -6.89
CA THR A 311 24.62 -0.95 -5.58
C THR A 311 23.52 -1.70 -4.80
N GLY A 312 22.27 -1.63 -5.21
CA GLY A 312 21.17 -2.13 -4.41
C GLY A 312 19.88 -1.46 -4.79
N CYS A 313 19.30 -0.77 -3.84
CA CYS A 313 18.08 0.01 -4.11
C CYS A 313 17.96 1.20 -3.18
N GLU A 314 17.18 2.12 -3.66
CA GLU A 314 16.84 3.33 -2.91
C GLU A 314 15.40 3.20 -2.55
N ILE A 315 15.10 3.52 -1.31
CA ILE A 315 13.72 3.55 -0.82
C ILE A 315 13.17 4.95 -1.12
N LEU A 316 12.36 5.07 -2.15
CA LEU A 316 11.91 6.39 -2.59
C LEU A 316 10.91 6.97 -1.61
N THR A 317 10.19 6.15 -0.89
CA THR A 317 9.14 6.54 0.08
C THR A 317 9.65 6.57 1.52
N ARG A 318 10.97 6.57 1.71
N ARG A 318 10.95 6.58 1.71
CA ARG A 318 11.63 6.68 3.03
CA ARG A 318 11.51 6.61 3.08
C ARG A 318 11.15 7.91 3.80
C ARG A 318 11.13 7.90 3.80
N ARG A 319 11.19 7.80 5.10
CA ARG A 319 11.22 9.03 5.93
C ARG A 319 12.57 9.77 5.83
N LEU A 320 12.51 11.10 5.81
CA LEU A 320 13.74 11.93 5.68
C LEU A 320 14.26 12.42 7.03
N ASP A 321 13.40 12.44 8.03
CA ASP A 321 13.49 13.23 9.30
C ASP A 321 13.38 12.33 10.52
N SER A 322 13.29 11.03 10.36
CA SER A 322 13.07 10.08 11.48
C SER A 322 13.58 8.71 11.03
N ALA A 323 14.32 8.03 11.88
CA ALA A 323 15.02 6.76 11.65
C ALA A 323 14.03 5.62 11.49
N ARG A 324 12.85 5.69 12.09
CA ARG A 324 12.00 4.50 12.28
C ARG A 324 10.60 4.73 11.72
N PRO A 325 9.84 3.66 11.42
CA PRO A 325 8.43 3.82 11.11
C PRO A 325 7.63 4.34 12.32
N HIS A 326 6.44 4.82 12.05
CA HIS A 326 5.64 5.51 13.08
C HIS A 326 5.33 4.58 14.25
N PHE A 327 5.14 3.26 14.06
CA PHE A 327 4.62 2.38 15.16
C PHE A 327 5.68 2.24 16.29
N MET A 328 6.93 2.56 15.95
N MET A 328 6.94 2.49 15.95
CA MET A 328 8.11 2.28 16.79
CA MET A 328 8.07 2.17 16.86
C MET A 328 8.13 3.30 17.92
C MET A 328 8.26 3.37 17.79
N SER A 329 7.34 4.36 17.75
CA SER A 329 7.30 5.46 18.78
C SER A 329 5.96 5.37 19.54
CO CO B . 1.04 -0.73 -3.93
CO CO C . -0.23 1.17 -1.64
C8 EYF D . -12.09 -4.06 -8.56
C5 EYF D . -9.15 -1.89 -6.19
C6 EYF D . -9.69 -2.68 -7.21
N1 EYF D . -5.43 -1.32 -5.74
C2 EYF D . -4.19 -1.23 -5.21
C4 EYF D . -8.41 -0.71 -6.67
O EYF D . -1.49 -0.86 -4.64
C EYF D . -2.30 -0.38 -3.88
N EYF D . -1.77 -0.11 -2.79
O1 EYF D . -0.43 -0.48 -2.73
C1 EYF D . -3.75 -0.22 -4.31
C15 EYF D . -4.66 0.80 -3.95
C14 EYF D . -5.90 0.75 -4.59
C3 EYF D . -6.32 -0.33 -5.45
C13 EYF D . -6.82 1.62 -4.57
C12 EYF D . -7.93 1.14 -5.05
N2 EYF D . -7.58 0.02 -5.77
C11 EYF D . -9.26 -2.22 -4.84
C10 EYF D . -9.96 -3.39 -4.51
C9 EYF D . -10.52 -4.19 -5.53
C7 EYF D . -10.38 -3.85 -6.89
O2 EYF D . -10.92 -4.59 -7.91
C1 GOL E . -14.28 18.60 0.37
O1 GOL E . -14.60 17.35 -0.46
C2 GOL E . -12.91 18.85 0.11
O2 GOL E . -11.88 18.09 0.92
C3 GOL E . -12.59 18.57 -1.34
O3 GOL E . -13.43 19.47 -2.19
C1 GOL F . -2.02 -23.11 5.97
O1 GOL F . -0.60 -23.04 6.01
C2 GOL F . -2.67 -21.99 6.76
O2 GOL F . -2.00 -20.76 6.47
C3 GOL F . -4.14 -21.83 6.47
O3 GOL F . -4.58 -22.76 5.48
C1 GOL G . -5.74 -3.48 -7.10
O1 GOL G . -4.65 -3.21 -8.00
C2 GOL G . -5.50 -4.77 -6.34
O2 GOL G . -6.29 -5.81 -6.91
C3 GOL G . -4.04 -5.17 -6.27
O3 GOL G . -3.49 -4.99 -4.95
NA NA H . -5.38 -5.34 9.01
MG MG I . -19.98 0.70 15.08
#